data_2P4F
#
_entry.id   2P4F
#
_cell.length_a   63.187
_cell.length_b   63.187
_cell.length_c   153.577
_cell.angle_alpha   90.00
_cell.angle_beta   90.00
_cell.angle_gamma   90.00
#
_symmetry.space_group_name_H-M   'I 41'
#
loop_
_entity.id
_entity.type
_entity.pdbx_description
1 polymer 'Similar to sp|P32453 Saccharomyces cerevisiae YNL315c ATP11'
2 non-polymer 'HEXAETHYLENE GLYCOL'
3 water water
#
_entity_poly.entity_id   1
_entity_poly.type   'polypeptide(L)'
_entity_poly.pdbx_seq_one_letter_code
;MGSSHHHHHHSSGEDRYKEKLLQKAKAEGVESIEELKKRLADQIEEKKKELNKIDPLRELEQHLNAGSRIHTNKEHKTTK
MSNKSNEKSGNVLPKDKPYKTLDDYLKLDKIKDLSKQEVEFLWRAKWSNRDDSLVAVVPYVKTFQGMYKYAVKNPLFVLP
LPRENAADGNKADKDSVPVELQYVQWQFAGPNTVHCLITSLAEYKLHQDFAKPHTTIQFHLDLANDKDMVLMNGQVESDS
NVSLQDAQLLLLNVQRFYGAMGSETSIAKERIQLLEDFNKGSQNFDINKLIQLAQSMEN
;
_entity_poly.pdbx_strand_id   A
#
loop_
_chem_comp.id
_chem_comp.type
_chem_comp.name
_chem_comp.formula
P6G non-polymer 'HEXAETHYLENE GLYCOL' 'C12 H26 O7'
#
# COMPACT_ATOMS: atom_id res chain seq x y z
N LYS A 95 7.40 -19.26 -14.65
CA LYS A 95 8.69 -18.65 -14.98
C LYS A 95 9.49 -18.31 -13.72
N ASP A 96 9.35 -19.08 -12.65
CA ASP A 96 9.98 -19.02 -11.35
C ASP A 96 10.49 -17.59 -11.07
N LYS A 97 9.48 -16.81 -10.75
CA LYS A 97 9.63 -15.41 -10.40
C LYS A 97 10.26 -15.26 -9.03
N PRO A 98 11.02 -14.20 -8.80
CA PRO A 98 11.64 -13.99 -7.46
C PRO A 98 10.65 -13.46 -6.44
N TYR A 99 9.44 -13.11 -6.87
CA TYR A 99 8.41 -12.68 -5.93
C TYR A 99 7.29 -13.72 -5.97
N LYS A 100 6.58 -13.81 -4.86
CA LYS A 100 5.48 -14.75 -4.79
C LYS A 100 4.24 -14.14 -5.43
N THR A 101 3.54 -14.92 -6.21
CA THR A 101 2.27 -14.49 -6.75
C THR A 101 1.11 -15.19 -6.06
N LEU A 102 -0.11 -14.83 -6.46
CA LEU A 102 -1.25 -15.41 -5.74
C LEU A 102 -1.21 -16.92 -5.77
N ASP A 103 -0.81 -17.48 -6.93
CA ASP A 103 -0.81 -18.96 -7.05
C ASP A 103 0.10 -19.65 -6.04
N ASP A 104 1.14 -18.94 -5.56
CA ASP A 104 2.02 -19.50 -4.53
C ASP A 104 1.35 -19.58 -3.17
N TYR A 105 0.25 -18.88 -2.95
CA TYR A 105 -0.46 -18.91 -1.69
C TYR A 105 -1.76 -19.69 -1.78
N LEU A 106 -2.50 -19.49 -2.86
CA LEU A 106 -3.76 -20.19 -3.11
C LEU A 106 -3.74 -20.65 -4.57
N LYS A 107 -3.83 -21.91 -4.88
CA LYS A 107 -3.70 -22.34 -6.27
C LYS A 107 -4.88 -21.85 -7.09
N LEU A 108 -4.54 -21.12 -8.14
CA LEU A 108 -5.61 -20.53 -8.92
C LEU A 108 -6.52 -21.57 -9.55
N ASP A 109 -5.92 -22.67 -9.99
CA ASP A 109 -6.70 -23.66 -10.74
C ASP A 109 -7.58 -24.39 -9.74
N LYS A 110 -7.23 -24.26 -8.46
CA LYS A 110 -8.11 -24.86 -7.45
C LYS A 110 -9.23 -23.91 -7.03
N ILE A 111 -9.00 -22.60 -7.02
CA ILE A 111 -10.02 -21.68 -6.54
C ILE A 111 -10.91 -21.11 -7.64
N LYS A 112 -10.77 -21.53 -8.90
CA LYS A 112 -11.51 -20.82 -9.94
C LYS A 112 -13.01 -20.84 -9.82
N ASP A 113 -13.64 -21.92 -9.32
CA ASP A 113 -15.10 -21.93 -9.29
C ASP A 113 -15.62 -21.51 -7.92
N LEU A 114 -14.70 -21.08 -7.01
CA LEU A 114 -15.21 -20.60 -5.71
C LEU A 114 -15.92 -19.26 -5.88
N SER A 115 -16.83 -18.93 -4.94
CA SER A 115 -17.44 -17.62 -4.96
C SER A 115 -16.47 -16.59 -4.40
N LYS A 116 -16.84 -15.31 -4.60
CA LYS A 116 -16.02 -14.23 -4.01
C LYS A 116 -15.85 -14.42 -2.51
N GLN A 117 -16.93 -14.76 -1.81
CA GLN A 117 -16.88 -14.92 -0.35
C GLN A 117 -16.00 -16.10 0.04
N GLU A 118 -16.15 -17.19 -0.72
CA GLU A 118 -15.30 -18.37 -0.41
C GLU A 118 -13.84 -18.05 -0.61
N VAL A 119 -13.48 -17.32 -1.68
CA VAL A 119 -12.08 -16.92 -1.83
C VAL A 119 -11.62 -16.05 -0.68
N GLU A 120 -12.47 -15.09 -0.28
CA GLU A 120 -12.13 -14.22 0.87
C GLU A 120 -11.94 -15.05 2.13
N PHE A 121 -12.79 -16.06 2.37
CA PHE A 121 -12.59 -16.90 3.59
C PHE A 121 -11.24 -17.59 3.56
N LEU A 122 -10.93 -18.13 2.37
CA LEU A 122 -9.65 -18.88 2.28
C LEU A 122 -8.46 -17.98 2.47
N TRP A 123 -8.57 -16.79 1.91
CA TRP A 123 -7.42 -15.85 2.01
C TRP A 123 -7.22 -15.42 3.46
N ARG A 124 -8.35 -15.11 4.13
CA ARG A 124 -8.19 -14.75 5.54
C ARG A 124 -7.70 -15.93 6.36
N ALA A 125 -8.16 -17.16 6.07
CA ALA A 125 -7.68 -18.33 6.83
C ALA A 125 -6.20 -18.50 6.61
N LYS A 126 -5.74 -18.23 5.39
CA LYS A 126 -4.31 -18.48 5.05
C LYS A 126 -3.39 -17.70 5.96
N TRP A 127 -3.81 -16.50 6.31
CA TRP A 127 -2.94 -15.56 7.04
C TRP A 127 -3.30 -15.49 8.52
N SER A 128 -4.26 -16.32 8.90
CA SER A 128 -4.81 -16.24 10.24
C SER A 128 -3.83 -16.64 11.32
N ASN A 129 -2.74 -17.36 11.05
CA ASN A 129 -2.04 -17.79 12.27
C ASN A 129 -0.99 -16.77 12.68
N ARG A 130 -1.11 -15.55 12.16
CA ARG A 130 -0.08 -14.55 12.37
C ARG A 130 -0.45 -13.33 13.21
N ASP A 131 0.58 -12.72 13.83
CA ASP A 131 0.32 -11.42 14.46
C ASP A 131 1.16 -10.34 13.81
N ASP A 132 1.73 -10.62 12.64
CA ASP A 132 2.46 -9.56 11.97
C ASP A 132 1.79 -9.18 10.66
N SER A 133 0.57 -9.62 10.41
CA SER A 133 -0.03 -9.56 9.07
C SER A 133 -1.17 -8.57 8.93
N LEU A 134 -1.15 -7.92 7.78
CA LEU A 134 -2.22 -7.06 7.25
C LEU A 134 -2.91 -7.83 6.13
N VAL A 135 -4.23 -7.96 6.18
CA VAL A 135 -4.94 -8.74 5.20
C VAL A 135 -6.17 -7.98 4.75
N ALA A 136 -6.45 -7.92 3.46
CA ALA A 136 -7.67 -7.26 2.99
C ALA A 136 -8.10 -7.88 1.69
N VAL A 137 -9.37 -7.63 1.36
CA VAL A 137 -9.88 -7.89 0.04
C VAL A 137 -10.50 -6.57 -0.47
N VAL A 138 -10.09 -6.06 -1.60
CA VAL A 138 -10.41 -4.73 -2.13
C VAL A 138 -11.13 -4.86 -3.44
N PRO A 139 -12.26 -4.23 -3.71
CA PRO A 139 -12.83 -4.36 -5.06
C PRO A 139 -11.93 -3.63 -6.03
N TYR A 140 -11.83 -4.21 -7.21
CA TYR A 140 -10.92 -3.63 -8.20
C TYR A 140 -11.48 -2.34 -8.78
N VAL A 141 -12.65 -2.40 -9.43
CA VAL A 141 -13.05 -1.23 -10.21
C VAL A 141 -13.31 -0.09 -9.24
N LYS A 142 -14.04 -0.42 -8.15
CA LYS A 142 -14.47 0.61 -7.23
C LYS A 142 -13.31 1.28 -6.51
N THR A 143 -12.28 0.51 -6.16
CA THR A 143 -11.26 1.06 -5.28
C THR A 143 -9.82 0.93 -5.73
N PHE A 144 -9.41 -0.31 -6.06
CA PHE A 144 -7.99 -0.44 -6.36
C PHE A 144 -7.59 0.18 -7.67
N GLN A 145 -8.43 0.14 -8.69
CA GLN A 145 -8.02 0.62 -10.02
C GLN A 145 -7.53 2.06 -9.98
N GLY A 146 -8.25 2.92 -9.25
CA GLY A 146 -7.84 4.33 -9.23
C GLY A 146 -6.53 4.47 -8.49
N MET A 147 -6.36 3.71 -7.40
CA MET A 147 -5.10 3.78 -6.64
C MET A 147 -3.94 3.31 -7.52
N TYR A 148 -4.17 2.24 -8.28
CA TYR A 148 -3.17 1.68 -9.20
C TYR A 148 -2.73 2.73 -10.22
N LYS A 149 -3.70 3.49 -10.73
CA LYS A 149 -3.35 4.47 -11.77
C LYS A 149 -2.48 5.57 -11.17
N TYR A 150 -2.83 6.01 -9.97
CA TYR A 150 -1.99 7.05 -9.35
C TYR A 150 -0.64 6.47 -8.95
N ALA A 151 -0.56 5.22 -8.56
CA ALA A 151 0.70 4.61 -8.08
C ALA A 151 1.68 4.51 -9.25
N VAL A 152 1.21 4.14 -10.42
CA VAL A 152 2.16 4.04 -11.57
C VAL A 152 2.79 5.38 -11.88
N LYS A 153 1.96 6.43 -11.88
CA LYS A 153 2.45 7.78 -12.25
C LYS A 153 3.19 8.43 -11.09
N ASN A 154 2.96 8.03 -9.86
CA ASN A 154 3.49 8.70 -8.67
C ASN A 154 4.04 7.67 -7.68
N PRO A 155 5.04 6.90 -8.06
CA PRO A 155 5.39 5.69 -7.31
C PRO A 155 6.15 5.92 -6.02
N LEU A 156 6.51 7.16 -5.67
CA LEU A 156 7.27 7.41 -4.45
C LEU A 156 6.54 8.44 -3.63
N PHE A 157 6.52 8.29 -2.32
CA PHE A 157 5.95 9.36 -1.50
C PHE A 157 6.61 9.32 -0.12
N VAL A 158 6.30 10.32 0.71
CA VAL A 158 6.75 10.31 2.11
C VAL A 158 5.53 10.49 2.97
N LEU A 159 5.44 9.75 4.09
CA LEU A 159 4.36 9.96 5.02
C LEU A 159 4.90 10.05 6.43
N PRO A 160 4.26 10.83 7.28
CA PRO A 160 4.70 10.84 8.65
C PRO A 160 4.06 9.69 9.44
N LEU A 161 4.85 9.13 10.33
CA LEU A 161 4.32 8.29 11.38
C LEU A 161 4.35 9.08 12.69
N PRO A 162 3.17 9.42 13.21
CA PRO A 162 3.12 10.18 14.48
C PRO A 162 3.62 9.30 15.62
N ARG A 163 4.31 9.90 16.56
CA ARG A 163 4.95 9.08 17.58
C ARG A 163 4.49 9.43 18.99
N GLU A 164 3.50 10.31 19.07
C VAL A 177 4.82 14.18 18.12
N PRO A 178 6.14 14.02 18.07
CA PRO A 178 6.89 14.25 16.85
C PRO A 178 6.38 13.33 15.74
N VAL A 179 7.06 13.48 14.61
CA VAL A 179 6.70 12.53 13.57
C VAL A 179 8.02 11.96 13.02
N GLU A 180 7.88 10.72 12.57
CA GLU A 180 8.99 10.06 11.89
C GLU A 180 8.63 9.86 10.43
N LEU A 181 9.44 10.42 9.51
CA LEU A 181 9.07 10.25 8.11
C LEU A 181 9.40 8.86 7.59
N GLN A 182 8.50 8.41 6.72
CA GLN A 182 8.60 7.11 6.06
C GLN A 182 8.60 7.31 4.57
N TYR A 183 9.44 6.58 3.84
CA TYR A 183 9.21 6.48 2.40
C TYR A 183 8.15 5.45 2.12
N VAL A 184 7.34 5.75 1.11
CA VAL A 184 6.38 4.83 0.53
C VAL A 184 6.82 4.56 -0.89
N GLN A 185 7.02 3.33 -1.32
CA GLN A 185 7.43 3.09 -2.70
C GLN A 185 6.50 2.00 -3.27
N TRP A 186 5.91 2.30 -4.42
CA TRP A 186 5.16 1.29 -5.16
C TRP A 186 6.08 0.61 -6.17
N GLN A 187 6.05 -0.69 -6.18
CA GLN A 187 6.88 -1.48 -7.09
C GLN A 187 5.97 -2.42 -7.89
N PHE A 188 6.12 -2.41 -9.19
CA PHE A 188 5.25 -3.20 -10.09
C PHE A 188 6.04 -4.46 -10.40
N ALA A 189 5.74 -5.53 -9.71
CA ALA A 189 6.54 -6.75 -9.80
C ALA A 189 6.15 -7.49 -11.06
N GLY A 190 4.87 -7.51 -11.33
CA GLY A 190 4.43 -8.18 -12.56
C GLY A 190 3.01 -7.75 -12.90
N PRO A 191 2.44 -8.24 -13.99
CA PRO A 191 1.15 -7.72 -14.40
C PRO A 191 0.07 -7.99 -13.37
N ASN A 192 0.24 -9.02 -12.54
CA ASN A 192 -0.83 -9.28 -11.56
C ASN A 192 -0.40 -9.04 -10.12
N THR A 193 0.77 -8.39 -9.92
CA THR A 193 1.32 -8.31 -8.57
C THR A 193 1.98 -6.97 -8.33
N VAL A 194 1.44 -6.22 -7.37
CA VAL A 194 1.90 -4.83 -7.10
C VAL A 194 2.32 -4.77 -5.67
N HIS A 195 3.47 -4.17 -5.37
CA HIS A 195 3.94 -4.11 -4.00
C HIS A 195 3.95 -2.67 -3.50
N CYS A 196 3.73 -2.49 -2.21
CA CYS A 196 3.91 -1.17 -1.57
C CYS A 196 4.89 -1.39 -0.44
N LEU A 197 6.02 -0.70 -0.40
CA LEU A 197 7.07 -0.90 0.57
C LEU A 197 7.18 0.37 1.43
N ILE A 198 7.22 0.24 2.73
CA ILE A 198 7.33 1.40 3.60
C ILE A 198 8.59 1.24 4.45
N THR A 199 9.44 2.28 4.43
CA THR A 199 10.77 2.25 4.99
C THR A 199 11.02 3.52 5.82
N SER A 200 11.65 3.37 6.96
CA SER A 200 11.91 4.61 7.70
C SER A 200 12.97 5.47 7.06
N LEU A 201 12.70 6.73 6.86
CA LEU A 201 13.59 7.53 6.01
C LEU A 201 14.92 7.80 6.70
N ALA A 202 14.92 8.07 8.02
CA ALA A 202 16.18 8.55 8.62
C ALA A 202 17.26 7.47 8.62
N GLU A 203 16.88 6.20 8.71
CA GLU A 203 17.87 5.18 8.97
C GLU A 203 18.17 4.27 7.79
N TYR A 204 17.50 4.47 6.66
CA TYR A 204 17.56 3.38 5.68
C TYR A 204 18.92 3.23 5.01
N LYS A 205 19.83 4.20 5.14
CA LYS A 205 21.17 4.02 4.55
C LYS A 205 22.21 3.75 5.61
N LEU A 206 21.73 3.47 6.85
CA LEU A 206 22.71 3.33 7.94
C LEU A 206 23.27 1.91 8.07
N HIS A 207 22.44 0.92 7.82
CA HIS A 207 22.81 -0.47 7.98
C HIS A 207 21.79 -1.35 7.23
N GLN A 208 22.19 -2.54 6.79
CA GLN A 208 21.22 -3.39 6.06
C GLN A 208 19.98 -3.67 6.89
N ASP A 209 20.10 -3.67 8.21
CA ASP A 209 18.89 -3.99 9.00
C ASP A 209 17.82 -2.91 8.91
N PHE A 210 18.28 -1.67 8.71
CA PHE A 210 17.34 -0.53 8.60
C PHE A 210 16.99 -0.22 7.15
N ALA A 211 17.77 -0.78 6.23
CA ALA A 211 17.58 -0.56 4.80
C ALA A 211 16.37 -1.36 4.33
N LYS A 212 16.06 -2.47 5.01
CA LYS A 212 14.85 -3.26 4.71
C LYS A 212 13.57 -2.47 5.04
N PRO A 213 12.55 -2.51 4.21
CA PRO A 213 11.29 -1.90 4.60
C PRO A 213 10.77 -2.56 5.87
N HIS A 214 10.19 -1.78 6.77
CA HIS A 214 9.55 -2.44 7.92
C HIS A 214 8.20 -3.04 7.54
N THR A 215 7.58 -2.56 6.47
CA THR A 215 6.25 -3.05 6.05
C THR A 215 6.28 -3.33 4.55
N THR A 216 5.90 -4.51 4.12
CA THR A 216 5.81 -4.81 2.68
C THR A 216 4.40 -5.29 2.45
N ILE A 217 3.72 -4.76 1.46
CA ILE A 217 2.34 -5.12 1.15
C ILE A 217 2.32 -5.62 -0.29
N GLN A 218 1.61 -6.77 -0.51
CA GLN A 218 1.38 -7.25 -1.84
C GLN A 218 -0.11 -7.10 -2.16
N PHE A 219 -0.37 -6.63 -3.41
CA PHE A 219 -1.72 -6.64 -3.95
C PHE A 219 -1.72 -7.58 -5.14
N HIS A 220 -2.60 -8.58 -5.06
CA HIS A 220 -2.67 -9.59 -6.12
C HIS A 220 -3.86 -9.31 -7.00
N LEU A 221 -3.68 -9.16 -8.29
CA LEU A 221 -4.73 -8.76 -9.22
C LEU A 221 -5.27 -9.90 -10.07
N ASP A 222 -4.84 -11.13 -9.80
CA ASP A 222 -5.14 -12.30 -10.59
C ASP A 222 -6.65 -12.52 -10.72
N LEU A 223 -7.44 -12.12 -9.73
CA LEU A 223 -8.89 -12.34 -9.80
C LEU A 223 -9.63 -11.07 -10.13
N ALA A 224 -8.89 -10.04 -10.54
CA ALA A 224 -9.52 -8.74 -10.78
C ALA A 224 -10.47 -8.83 -11.97
N ASN A 225 -10.05 -9.47 -13.05
CA ASN A 225 -10.94 -9.51 -14.23
C ASN A 225 -12.12 -10.42 -14.01
N ASP A 226 -11.98 -11.55 -13.34
CA ASP A 226 -13.12 -12.46 -13.26
C ASP A 226 -14.02 -12.18 -12.06
N LYS A 227 -13.42 -11.72 -10.97
CA LYS A 227 -14.22 -11.56 -9.76
C LYS A 227 -14.21 -10.12 -9.23
N ASP A 228 -13.54 -9.19 -9.95
CA ASP A 228 -13.47 -7.81 -9.48
C ASP A 228 -12.94 -7.68 -8.05
N MET A 229 -11.97 -8.50 -7.72
CA MET A 229 -11.37 -8.59 -6.40
C MET A 229 -9.86 -8.46 -6.42
N VAL A 230 -9.31 -7.75 -5.45
CA VAL A 230 -7.85 -7.68 -5.24
C VAL A 230 -7.57 -8.26 -3.88
N LEU A 231 -6.62 -9.17 -3.76
CA LEU A 231 -6.30 -9.79 -2.47
C LEU A 231 -5.03 -9.13 -1.96
N MET A 232 -5.04 -8.65 -0.71
CA MET A 232 -3.86 -7.98 -0.15
C MET A 232 -3.27 -8.72 1.01
N ASN A 233 -1.97 -8.89 1.04
CA ASN A 233 -1.32 -9.46 2.21
C ASN A 233 -0.12 -8.55 2.53
N GLY A 234 0.05 -8.17 3.78
CA GLY A 234 1.24 -7.40 4.14
C GLY A 234 1.81 -7.96 5.41
N GLN A 235 3.08 -7.64 5.62
CA GLN A 235 3.75 -8.13 6.82
C GLN A 235 4.51 -6.95 7.43
N VAL A 236 4.50 -6.81 8.73
CA VAL A 236 5.31 -5.81 9.44
C VAL A 236 6.45 -6.52 10.13
N GLU A 237 7.67 -6.07 9.99
CA GLU A 237 8.82 -6.74 10.56
C GLU A 237 8.80 -6.66 12.09
N SER A 238 9.03 -7.81 12.72
CA SER A 238 8.90 -7.80 14.19
C SER A 238 10.05 -7.04 14.84
N ASP A 239 11.20 -6.95 14.19
CA ASP A 239 12.36 -6.24 14.72
C ASP A 239 12.20 -4.73 14.66
N SER A 240 11.16 -4.21 14.00
CA SER A 240 11.04 -2.78 13.83
C SER A 240 10.23 -2.15 14.96
N ASN A 241 10.22 -0.84 15.12
CA ASN A 241 9.38 -0.28 16.19
C ASN A 241 8.11 0.29 15.57
N VAL A 242 7.69 -0.34 14.47
CA VAL A 242 6.41 -0.03 13.87
C VAL A 242 5.42 -1.10 14.29
N SER A 243 4.34 -0.73 14.96
CA SER A 243 3.35 -1.72 15.35
C SER A 243 2.43 -2.05 14.20
N LEU A 244 1.62 -3.08 14.36
CA LEU A 244 0.63 -3.42 13.32
C LEU A 244 -0.36 -2.29 13.19
N GLN A 245 -0.70 -1.65 14.30
CA GLN A 245 -1.58 -0.49 14.24
C GLN A 245 -0.93 0.68 13.50
N ASP A 246 0.37 0.89 13.72
CA ASP A 246 1.01 2.00 13.01
C ASP A 246 0.96 1.70 11.52
N ALA A 247 1.21 0.44 11.18
CA ALA A 247 1.23 0.10 9.74
C ALA A 247 -0.14 0.26 9.09
N GLN A 248 -1.21 -0.13 9.81
CA GLN A 248 -2.57 0.08 9.36
C GLN A 248 -2.90 1.55 9.09
N LEU A 249 -2.42 2.40 10.00
CA LEU A 249 -2.73 3.85 9.82
C LEU A 249 -1.92 4.41 8.66
N LEU A 250 -0.69 3.95 8.46
CA LEU A 250 0.08 4.37 7.28
C LEU A 250 -0.61 3.91 6.01
N LEU A 251 -1.09 2.66 5.98
CA LEU A 251 -1.77 2.16 4.78
C LEU A 251 -3.02 2.97 4.51
N LEU A 252 -3.76 3.32 5.56
CA LEU A 252 -4.94 4.19 5.33
C LEU A 252 -4.54 5.51 4.68
N ASN A 253 -3.43 6.10 5.17
CA ASN A 253 -2.99 7.34 4.55
C ASN A 253 -2.45 7.13 3.15
N VAL A 254 -1.84 5.98 2.87
CA VAL A 254 -1.47 5.75 1.46
C VAL A 254 -2.71 5.80 0.58
N GLN A 255 -3.78 5.16 1.05
CA GLN A 255 -5.01 5.19 0.27
C GLN A 255 -5.52 6.61 0.08
N ARG A 256 -5.43 7.46 1.12
CA ARG A 256 -5.99 8.81 1.02
C ARG A 256 -5.24 9.65 0.01
N PHE A 257 -3.92 9.50 -0.02
CA PHE A 257 -3.11 10.29 -0.95
C PHE A 257 -3.16 9.72 -2.37
N TYR A 258 -3.29 8.37 -2.49
CA TYR A 258 -3.28 7.77 -3.82
C TYR A 258 -4.67 7.69 -4.41
N GLY A 259 -5.35 8.81 -4.49
CA GLY A 259 -6.59 8.77 -5.30
C GLY A 259 -7.74 8.99 -4.34
N ALA A 260 -7.36 8.97 -3.07
CA ALA A 260 -8.28 9.42 -1.98
C ALA A 260 -9.64 8.77 -2.14
N MET A 261 -9.54 7.51 -2.46
CA MET A 261 -10.55 6.54 -2.77
C MET A 261 -11.71 7.26 -3.47
N GLY A 262 -11.43 7.92 -4.58
CA GLY A 262 -12.34 8.58 -5.50
C GLY A 262 -13.01 9.81 -4.91
N SER A 263 -12.48 10.28 -3.77
CA SER A 263 -13.12 11.51 -3.24
C SER A 263 -12.74 12.67 -4.16
N GLU A 264 -13.62 13.64 -4.21
CA GLU A 264 -13.66 14.83 -5.03
C GLU A 264 -13.78 16.08 -4.17
N THR A 265 -13.59 15.87 -2.86
CA THR A 265 -13.59 17.03 -1.96
C THR A 265 -12.33 17.87 -2.14
N SER A 266 -12.36 19.11 -1.66
CA SER A 266 -11.22 20.02 -1.80
C SER A 266 -10.02 19.40 -1.11
N ILE A 267 -10.22 18.81 0.09
CA ILE A 267 -8.97 18.35 0.70
C ILE A 267 -8.42 17.09 0.02
N ALA A 268 -9.30 16.25 -0.51
CA ALA A 268 -8.83 15.10 -1.26
C ALA A 268 -8.00 15.57 -2.45
N LYS A 269 -8.49 16.62 -3.13
CA LYS A 269 -7.72 17.19 -4.26
C LYS A 269 -6.38 17.75 -3.79
N GLU A 270 -6.36 18.33 -2.58
CA GLU A 270 -5.10 18.86 -2.06
C GLU A 270 -4.12 17.73 -1.81
N ARG A 271 -4.64 16.61 -1.29
CA ARG A 271 -3.75 15.46 -1.09
C ARG A 271 -3.19 14.92 -2.40
N ILE A 272 -4.05 14.78 -3.42
CA ILE A 272 -3.56 14.25 -4.69
C ILE A 272 -2.56 15.23 -5.29
N GLN A 273 -2.83 16.53 -5.18
CA GLN A 273 -1.91 17.52 -5.77
C GLN A 273 -0.55 17.45 -5.08
N LEU A 274 -0.57 17.21 -3.75
CA LEU A 274 0.72 17.12 -3.07
C LEU A 274 1.51 15.89 -3.51
N LEU A 275 0.81 14.78 -3.70
CA LEU A 275 1.43 13.56 -4.22
C LEU A 275 2.06 13.83 -5.58
N GLU A 276 1.30 14.49 -6.44
CA GLU A 276 1.84 14.76 -7.79
C GLU A 276 3.01 15.73 -7.72
N ASP A 277 2.89 16.76 -6.89
CA ASP A 277 4.01 17.71 -6.78
C ASP A 277 5.28 17.06 -6.28
N PHE A 278 5.14 16.14 -5.31
CA PHE A 278 6.33 15.42 -4.84
C PHE A 278 6.96 14.66 -6.02
N ASN A 279 6.14 13.89 -6.74
CA ASN A 279 6.70 13.01 -7.77
C ASN A 279 7.25 13.75 -8.98
N LYS A 280 6.78 14.96 -9.21
CA LYS A 280 7.32 15.73 -10.34
CA LYS A 280 7.24 15.81 -10.28
C LYS A 280 8.40 16.68 -9.85
N GLY A 281 8.73 16.67 -8.54
CA GLY A 281 9.83 17.53 -8.09
C GLY A 281 9.47 19.02 -8.08
N SER A 282 8.17 19.29 -7.95
CA SER A 282 7.70 20.67 -7.92
C SER A 282 8.10 21.38 -6.65
N GLN A 283 8.46 22.66 -6.81
CA GLN A 283 8.72 23.55 -5.69
CA GLN A 283 8.76 23.43 -5.59
C GLN A 283 7.54 23.70 -4.74
N ASN A 284 6.35 23.34 -5.21
CA ASN A 284 5.15 23.52 -4.41
C ASN A 284 5.02 22.41 -3.38
N PHE A 285 5.82 21.34 -3.54
CA PHE A 285 5.81 20.35 -2.46
C PHE A 285 6.35 20.95 -1.16
N ASP A 286 5.65 20.71 -0.06
CA ASP A 286 6.02 21.27 1.24
C ASP A 286 5.83 20.26 2.38
N ILE A 287 6.86 19.98 3.18
CA ILE A 287 6.71 18.96 4.22
C ILE A 287 5.68 19.28 5.27
N ASN A 288 5.66 20.59 5.54
CA ASN A 288 4.65 21.05 6.50
C ASN A 288 3.26 20.79 6.01
N LYS A 289 2.99 21.02 4.74
CA LYS A 289 1.61 20.74 4.27
C LYS A 289 1.34 19.25 4.27
N LEU A 290 2.35 18.47 3.90
CA LEU A 290 2.24 17.01 3.97
C LEU A 290 1.79 16.54 5.34
N ILE A 291 2.48 17.07 6.34
CA ILE A 291 2.17 16.66 7.72
C ILE A 291 0.79 17.13 8.12
N GLN A 292 0.41 18.33 7.72
CA GLN A 292 -0.96 18.79 8.04
C GLN A 292 -2.02 17.92 7.37
N LEU A 293 -1.79 17.58 6.09
CA LEU A 293 -2.79 16.85 5.36
C LEU A 293 -2.82 15.39 5.80
N ALA A 294 -1.69 14.85 6.24
CA ALA A 294 -1.71 13.44 6.69
C ALA A 294 -2.41 13.30 8.03
N GLN A 295 -2.37 14.35 8.87
CA GLN A 295 -2.96 14.33 10.20
C GLN A 295 -4.41 14.75 10.19
N SER A 296 -4.85 15.47 9.17
CA SER A 296 -6.22 15.97 9.07
C SER A 296 -7.22 14.83 8.97
N MET A 297 -8.33 14.91 9.72
CA MET A 297 -9.32 13.84 9.70
C MET A 297 -10.30 13.92 8.53
N GLU A 298 -10.23 14.99 7.76
CA GLU A 298 -11.19 15.15 6.69
C GLU A 298 -10.76 14.37 5.46
N ASN A 299 -11.79 13.82 4.81
CA ASN A 299 -11.53 13.00 3.63
C ASN A 299 -12.00 13.68 2.35
O1 P6G B . 11.14 19.60 -5.03
C2 P6G B . 10.53 18.69 -4.08
C3 P6G B . 9.82 17.55 -4.75
O4 P6G B . 10.17 16.28 -4.20
C5 P6G B . 11.48 15.92 -4.60
C6 P6G B . 11.60 14.40 -4.66
O7 P6G B . 11.55 13.97 -6.01
C8 P6G B . 10.47 13.03 -6.19
C9 P6G B . 10.71 12.24 -7.48
O10 P6G B . 11.97 11.58 -7.32
C11 P6G B . 12.10 10.41 -8.11
C12 P6G B . 13.35 9.62 -7.69
O13 P6G B . 13.04 8.23 -7.87
C14 P6G B . 13.87 7.36 -7.09
C15 P6G B . 13.20 6.04 -6.81
O16 P6G B . 13.61 5.06 -7.76
C17 P6G B . 12.76 5.08 -8.91
C18 P6G B . 13.17 3.95 -9.86
O19 P6G B . 12.15 2.95 -9.83
#